data_6YMJ
#
_entry.id   6YMJ
#
_cell.length_a   86.599
_cell.length_b   147.570
_cell.length_c   75.013
_cell.angle_alpha   90.000
_cell.angle_beta   91.358
_cell.angle_gamma   90.000
#
_symmetry.space_group_name_H-M   'C 1 2 1'
#
loop_
_entity.id
_entity.type
_entity.pdbx_description
1 polymer 'Chains: A,C,F,I,M,O'
2 polymer 'Chains: B,D,G,J,N,P'
3 non-polymer ADENOSINE
4 non-polymer 'SODIUM ION'
5 non-polymer "5-BROMOCYTIDINE 5'-(DIHYDROGEN PHOSPHATE)"
6 non-polymer 'MAGNESIUM ION'
7 water water
#
loop_
_entity_poly.entity_id
_entity_poly.type
_entity_poly.pdbx_seq_one_letter_code
_entity_poly.pdbx_strand_id
1 'polyribonucleotide' GGU(CBV)ACAACGGCUUCCUGGCGUGACC A,C,F,I,M,O
2 'polyribonucleotide' AUUGGAGCA B,D,G,J,N,P
#
loop_
_chem_comp.id
_chem_comp.type
_chem_comp.name
_chem_comp.formula
A RNA linking ADENOSINE-5'-MONOPHOSPHATE 'C10 H14 N5 O7 P'
ADN non-polymer ADENOSINE 'C10 H13 N5 O4'
C RNA linking CYTIDINE-5'-MONOPHOSPHATE 'C9 H14 N3 O8 P'
CBV RNA linking '5-BROMOCYTIDINE 5'-(DIHYDROGEN PHOSPHATE)' 'C9 H13 Br N3 O8 P'
G RNA linking GUANOSINE-5'-MONOPHOSPHATE 'C10 H14 N5 O8 P'
MG non-polymer 'MAGNESIUM ION' 'Mg 2'
NA non-polymer 'SODIUM ION' 'Na 1'
U RNA linking URIDINE-5'-MONOPHOSPHATE 'C9 H13 N2 O9 P'
#
# COMPACT_ATOMS: atom_id res chain seq x y z
P CBV A 4 -9.35 24.00 5.54
O1P CBV A 4 -9.40 25.31 4.78
O2P CBV A 4 -8.07 23.62 6.23
O5' CBV A 4 -10.49 24.09 6.66
C5' CBV A 4 -11.54 25.04 6.57
C4' CBV A 4 -12.58 24.80 7.63
O4' CBV A 4 -12.55 23.42 8.06
C3' CBV A 4 -12.40 25.57 8.92
O3' CBV A 4 -12.84 26.92 8.84
C2' CBV A 4 -13.19 24.74 9.92
O2' CBV A 4 -14.59 24.97 9.78
C1' CBV A 4 -12.89 23.33 9.43
N1 CBV A 4 -11.76 22.69 10.16
C2 CBV A 4 -11.91 22.30 11.51
O2 CBV A 4 -12.99 22.47 12.11
N3 CBV A 4 -10.88 21.72 12.18
C4 CBV A 4 -9.70 21.52 11.59
N4 CBV A 4 -8.67 20.95 12.27
C5 CBV A 4 -9.52 21.93 10.17
C6 CBV A 4 -10.60 22.51 9.51
BR CBV A 4 -7.87 21.68 9.29
P CBV E 4 19.56 4.49 -15.83
O1P CBV E 4 19.26 5.29 -17.07
O2P CBV E 4 19.54 2.99 -15.91
O5' CBV E 4 21.01 4.93 -15.33
C5' CBV E 4 21.82 5.80 -16.10
C4' CBV E 4 22.96 6.36 -15.29
O4' CBV E 4 22.61 6.34 -13.87
C3' CBV E 4 24.26 5.59 -15.35
O3' CBV E 4 25.02 5.87 -16.53
C2' CBV E 4 24.96 6.01 -14.07
O2' CBV E 4 25.52 7.32 -14.20
C1' CBV E 4 23.77 6.10 -13.10
N1 CBV E 4 23.58 4.85 -12.33
C2 CBV E 4 24.49 4.49 -11.31
O2 CBV E 4 25.46 5.22 -11.03
N3 CBV E 4 24.32 3.35 -10.60
C4 CBV E 4 23.28 2.52 -10.86
N4 CBV E 4 23.10 1.37 -10.16
C5 CBV E 4 22.34 2.89 -11.93
C6 CBV E 4 22.53 4.08 -12.63
BR CBV E 4 20.86 1.78 -12.34
P CBV G 4 5.31 11.51 6.26
O1P CBV G 4 3.93 11.94 5.82
O2P CBV G 4 6.12 12.42 7.14
O5' CBV G 4 5.15 10.11 7.01
C5' CBV G 4 3.93 9.75 7.65
C4' CBV G 4 4.00 8.35 8.20
O4' CBV G 4 5.00 7.59 7.48
C3' CBV G 4 4.45 8.24 9.66
O3' CBV G 4 3.42 8.51 10.58
C2' CBV G 4 4.99 6.81 9.71
O2' CBV G 4 3.92 5.87 9.81
C1' CBV G 4 5.63 6.67 8.34
N1 CBV G 4 7.09 6.96 8.38
C2 CBV G 4 7.97 6.02 8.96
O2 CBV G 4 7.52 4.96 9.43
N3 CBV G 4 9.31 6.25 9.02
C4 CBV G 4 9.83 7.39 8.52
N4 CBV G 4 11.16 7.62 8.57
C5 CBV G 4 8.91 8.39 7.90
C6 CBV G 4 7.55 8.11 7.86
BR CBV G 4 9.59 9.99 7.18
P CBV I 4 -17.92 -11.63 -15.92
O1P CBV I 4 -18.20 -10.94 -17.23
O2P CBV I 4 -18.88 -11.46 -14.77
O5' CBV I 4 -17.81 -13.19 -16.23
C5' CBV I 4 -18.21 -13.71 -17.48
C4' CBV I 4 -17.74 -15.14 -17.65
O4' CBV I 4 -16.58 -15.38 -16.82
C3' CBV I 4 -18.72 -16.22 -17.23
O3' CBV I 4 -19.72 -16.48 -18.20
C2' CBV I 4 -17.81 -17.41 -16.96
O2' CBV I 4 -17.42 -18.03 -18.18
C1' CBV I 4 -16.58 -16.72 -16.35
N1 CBV I 4 -16.63 -16.70 -14.88
C2 CBV I 4 -16.42 -17.89 -14.14
O2 CBV I 4 -16.20 -18.96 -14.73
N3 CBV I 4 -16.47 -17.89 -12.79
C4 CBV I 4 -16.70 -16.75 -12.11
N4 CBV I 4 -16.74 -16.74 -10.76
C5 CBV I 4 -16.91 -15.50 -12.87
C6 CBV I 4 -16.86 -15.54 -14.25
BR CBV I 4 -17.25 -13.87 -11.97
O5' ADN M . -2.20 37.95 18.49
C5' ADN M . -2.37 37.45 19.82
C4' ADN M . -1.04 37.21 20.50
O4' ADN M . -0.21 36.38 19.65
C3' ADN M . -0.23 38.47 20.80
O3' ADN M . 0.50 38.29 22.01
C2' ADN M . 0.73 38.54 19.62
O2' ADN M . 1.93 39.24 19.88
C1' ADN M . 0.99 37.06 19.33
N9 ADN M . 1.30 36.78 17.93
C8 ADN M . 0.60 36.84 16.80
N7 ADN M . 1.42 36.47 15.83
C5 ADN M . 2.61 36.18 16.35
C6 ADN M . 3.79 35.76 15.79
N6 ADN M . 4.32 35.42 14.48
N1 ADN M . 4.85 35.53 16.55
C2 ADN M . 4.77 35.74 17.88
N3 ADN M . 3.62 36.15 18.45
C4 ADN M . 2.54 36.37 17.68
O5' ADN N . 3.93 24.95 12.69
C5' ADN N . 4.46 25.82 11.69
C4' ADN N . 5.50 26.75 12.27
O4' ADN N . 4.86 27.71 13.16
C3' ADN N . 6.57 26.10 13.13
O3' ADN N . 7.61 25.52 12.37
C2' ADN N . 7.03 27.26 14.01
O2' ADN N . 7.90 28.12 13.31
C1' ADN N . 5.71 28.00 14.24
N9 ADN N . 5.05 27.57 15.50
C8 ADN N . 5.10 26.46 16.24
N7 ADN N . 4.27 26.65 17.27
C5 ADN N . 3.72 27.87 17.14
C6 ADN N . 2.82 28.55 17.93
N6 ADN N . 2.05 28.36 19.15
N1 ADN N . 2.41 29.76 17.58
C2 ADN N . 2.91 30.34 16.46
N3 ADN N . 3.79 29.67 15.69
C4 ADN N . 4.20 28.44 16.04
NA NA O . -5.10 20.75 12.47
P CBV P . -13.40 -3.38 0.81
O1P CBV P . -13.38 -2.76 -0.57
O2P CBV P . -14.46 -2.96 1.80
O5' CBV P . -11.95 -3.29 1.45
C5' CBV P . -10.88 -4.06 0.92
C4' CBV P . -9.89 -4.50 1.98
O4' CBV P . -9.55 -3.39 2.84
C3' CBV P . -10.34 -5.58 2.94
O3' CBV P . -10.33 -6.88 2.38
C2' CBV P . -9.36 -5.41 4.10
O2' CBV P . -8.11 -6.01 3.79
C1' CBV P . -9.18 -3.89 4.12
N1 CBV P . -10.04 -3.23 5.14
C2 CBV P . -9.58 -3.22 6.48
O2 CBV P . -8.49 -3.75 6.77
N3 CBV P . -10.32 -2.64 7.45
C4 CBV P . -11.50 -2.07 7.17
N4 CBV P . -12.24 -1.49 8.15
C5 CBV P . -11.99 -2.08 5.77
C6 CBV P . -11.20 -2.69 4.80
BR CBV P . -13.64 -1.29 5.31
O5' ADN Q . -26.27 -13.52 13.15
C5' ADN Q . -25.99 -13.70 14.53
C4' ADN Q . -26.98 -12.96 15.40
O4' ADN Q . -27.21 -11.64 14.85
C3' ADN Q . -28.34 -13.62 15.55
O3' ADN Q . -28.82 -13.42 16.87
C2' ADN Q . -29.20 -12.84 14.56
O2' ADN Q . -30.59 -12.83 14.87
C1' ADN Q . -28.60 -11.44 14.66
N9 ADN Q . -28.78 -10.65 13.44
C8 ADN Q . -28.28 -10.69 12.21
N7 ADN Q . -28.84 -9.67 11.54
C5 ADN Q . -29.69 -9.03 12.37
C6 ADN Q . -30.50 -7.95 12.17
N6 ADN Q . -30.87 -7.01 11.13
N1 ADN Q . -31.25 -7.50 13.17
C2 ADN Q . -31.21 -8.12 14.38
N3 ADN Q . -30.41 -9.18 14.57
C4 ADN Q . -29.64 -9.64 13.56
MG MG R . -6.58 5.80 12.63
O5' ADN S . 34.04 -8.95 -22.31
C5' ADN S . 34.95 -9.37 -21.30
C4' ADN S . 34.74 -10.81 -20.92
O4' ADN S . 33.32 -11.07 -20.79
C3' ADN S . 35.27 -11.82 -21.93
O3' ADN S . 35.73 -12.98 -21.25
C2' ADN S . 34.03 -12.17 -22.75
O2' ADN S . 34.07 -13.43 -23.38
C1' ADN S . 32.94 -12.10 -21.69
N9 ADN S . 31.62 -11.75 -22.23
C8 ADN S . 31.12 -10.65 -22.79
N7 ADN S . 29.85 -10.95 -23.11
C5 ADN S . 29.61 -12.21 -22.75
C6 ADN S . 28.47 -12.99 -22.85
N6 ADN S . 27.11 -12.89 -23.34
N1 ADN S . 28.49 -14.23 -22.41
C2 ADN S . 29.60 -14.75 -21.85
N3 ADN S . 30.72 -13.99 -21.74
C4 ADN S . 30.71 -12.72 -22.19
O5' ADN T . 20.23 -10.04 -16.06
C5' ADN T . 19.85 -11.37 -15.76
C4' ADN T . 20.17 -12.32 -16.88
O4' ADN T . 21.48 -12.01 -17.42
C3' ADN T . 20.23 -13.80 -16.48
O3' ADN T . 18.98 -14.45 -16.63
C2' ADN T . 21.33 -14.37 -17.37
O2' ADN T . 20.83 -14.65 -18.67
C1' ADN T . 22.27 -13.18 -17.47
N9 ADN T . 23.23 -13.13 -16.34
C8 ADN T . 23.17 -13.42 -15.04
N7 ADN T . 24.38 -13.16 -14.53
C5 ADN T . 25.16 -12.71 -15.51
C6 ADN T . 26.48 -12.30 -15.52
N6 ADN T . 27.60 -12.17 -14.61
N1 ADN T . 27.04 -11.90 -16.65
C2 ADN T . 26.31 -11.87 -17.78
N3 ADN T . 25.02 -12.27 -17.79
C4 ADN T . 24.46 -12.68 -16.65
O5' ADN U . 14.02 18.13 24.97
C5' ADN U . 15.02 18.61 24.08
C4' ADN U . 16.40 18.52 24.67
O4' ADN U . 17.38 18.70 23.63
C3' ADN U . 16.72 19.59 25.69
O3' ADN U . 17.81 19.17 26.51
C2' ADN U . 17.16 20.76 24.80
O2' ADN U . 18.05 21.67 25.41
C1' ADN U . 17.81 20.05 23.60
N9 ADN U . 17.44 20.62 22.31
C8 ADN U . 16.32 20.64 21.60
N7 ADN U . 16.60 21.32 20.49
C5 ADN U . 17.88 21.71 20.53
C6 ADN U . 18.65 22.42 19.65
N6 ADN U . 18.54 23.08 18.35
N1 ADN U . 19.92 22.68 19.93
C2 ADN U . 20.46 22.23 21.09
N3 ADN U . 19.70 21.52 21.97
C4 ADN U . 18.41 21.27 21.67
O5' ADN V . -35.66 -20.47 -10.05
C5' ADN V . -35.38 -21.59 -9.23
C4' ADN V . -35.82 -21.35 -7.80
O4' ADN V . -35.28 -20.08 -7.34
C3' ADN V . -37.32 -21.29 -7.58
O3' ADN V . -37.64 -21.85 -6.31
C2' ADN V . -37.60 -19.80 -7.56
O2' ADN V . -38.76 -19.43 -6.85
C1' ADN V . -36.34 -19.25 -6.90
N9 ADN V . -36.01 -17.88 -7.29
C8 ADN V . -35.62 -17.32 -8.43
N7 ADN V . -35.49 -16.02 -8.19
C5 ADN V . -35.79 -15.79 -6.91
C6 ADN V . -35.81 -14.63 -6.16
N6 ADN V . -35.55 -13.21 -6.34
N1 ADN V . -36.15 -14.66 -4.89
C2 ADN V . -36.48 -15.85 -4.31
N3 ADN V . -36.47 -16.98 -5.04
C4 ADN V . -36.12 -16.95 -6.34
NA NA W . -7.32 -20.24 -9.15
NA NA X . -9.61 -13.30 -18.53
O5' ADN Y . -25.72 -10.76 -3.40
C5' ADN Y . -26.42 -9.52 -3.52
C4' ADN Y . -27.81 -9.61 -2.93
O4' ADN Y . -28.46 -10.83 -3.37
C3' ADN Y . -27.89 -9.69 -1.41
O3' ADN Y . -27.76 -8.42 -0.78
C2' ADN Y . -29.24 -10.36 -1.18
O2' ADN Y . -30.29 -9.43 -1.32
C1' ADN Y . -29.30 -11.33 -2.36
N9 ADN Y . -28.82 -12.67 -1.98
C8 ADN Y . -27.94 -13.13 -1.09
N7 ADN Y . -27.93 -14.46 -1.21
C5 ADN Y . -28.80 -14.81 -2.17
C6 ADN Y . -29.17 -16.03 -2.68
N6 ADN Y . -28.87 -17.43 -2.50
N1 ADN Y . -30.07 -16.10 -3.65
C2 ADN Y . -30.63 -14.98 -4.14
N3 ADN Y . -30.27 -13.77 -3.64
C4 ADN Y . -29.36 -13.69 -2.66
P CBV Z . 8.70 -8.61 -7.62
O1P CBV Z . 8.77 -7.37 -8.48
O2P CBV Z . 8.27 -9.95 -8.16
O5' CBV Z . 7.93 -8.31 -6.25
C5' CBV Z . 8.31 -7.21 -5.43
C4' CBV Z . 8.02 -7.48 -3.98
O4' CBV Z . 6.71 -8.08 -3.83
C3' CBV Z . 8.95 -8.47 -3.29
O3' CBV Z . 10.21 -7.91 -2.95
C2' CBV Z . 8.12 -8.91 -2.09
O2' CBV Z . 8.14 -7.93 -1.07
C1' CBV Z . 6.71 -8.93 -2.70
N1 CBV Z . 6.32 -10.29 -3.12
C2 CBV Z . 5.91 -11.24 -2.15
O2 CBV Z . 5.87 -10.91 -0.94
N3 CBV Z . 5.55 -12.50 -2.50
C4 CBV Z . 5.59 -12.87 -3.80
N4 CBV Z . 5.23 -14.13 -4.17
C5 CBV Z . 6.02 -11.89 -4.82
C6 CBV Z . 6.37 -10.61 -4.42
BR CBV Z . 6.07 -12.35 -6.64
O5' ADN AA . 21.12 -24.39 -6.06
C5' ADN AA . 21.12 -25.26 -4.93
C4' ADN AA . 20.82 -26.68 -5.35
O4' ADN AA . 19.79 -26.67 -6.38
C3' ADN AA . 22.00 -27.47 -5.93
O3' ADN AA . 21.86 -28.85 -5.59
C2' ADN AA . 21.82 -27.29 -7.43
O2' ADN AA . 22.40 -28.30 -8.22
C1' ADN AA . 20.30 -27.27 -7.56
N9 ADN AA . 19.82 -26.48 -8.69
C8 ADN AA . 19.78 -25.18 -8.98
N7 ADN AA . 19.21 -25.08 -10.18
C5 ADN AA . 18.90 -26.31 -10.62
C6 ADN AA . 18.31 -26.76 -11.78
N6 ADN AA . 17.75 -26.23 -13.01
N1 ADN AA . 18.11 -28.05 -11.96
C2 ADN AA . 18.50 -28.95 -11.02
N3 ADN AA . 19.08 -28.51 -9.87
C4 ADN AA . 19.28 -27.19 -9.69
#